data_9R0K
#
_entry.id   9R0K
#
_cell.length_a   183.346
_cell.length_b   183.346
_cell.length_c   112.356
_cell.angle_alpha   90.00
_cell.angle_beta   90.00
_cell.angle_gamma   120.00
#
_symmetry.space_group_name_H-M   'H 3 2'
#
loop_
_entity.id
_entity.type
_entity.pdbx_description
1 polymer 'Dehydrodolichyl diphosphate synthase complex subunit DHDDS'
2 polymer 'Dehydrodolichyl diphosphate synthase complex subunit NUS1'
3 non-polymer GLYCINE
#
loop_
_entity_poly.entity_id
_entity_poly.type
_entity_poly.pdbx_seq_one_letter_code
_entity_poly.pdbx_strand_id
1 'polypeptide(L)'
;GSGSGSGMSWIKEGELSLWERFCANIIKAGPMPKHIAFIMDGNRRYAKKCQVERQEGHSQGFNKLAETLRWCLNLGILEV
TVYAFSIENFKRSKSEVDGLMDLARQKFSRLMEEKEKLQKHGVCIRVLGDLHLLPLDLQELIAQAVQATKNYNKCFLNVC
FAYTSRHEISNAVREMAWGVEQGLLDPSDISESLLDKCLYTNRSPHPDILIRTSGEVRLSDFLLWQTSHSCLVFQPVLWP
EYTFWNLFEAILQFQMNHSVLQKARDMYAEERKRQQLERDQATVTEQLLREGLQASGDAQLRRTRLHKLSARREERVQGF
LQALELKRADWLARLGTASA
;
A
2 'polypeptide(L)'
;GRGGSCLAAAHHRMRWRADGRSLEKLPVHMGLVITEVEQEPSFSDIASLVVWCMAVGISYISVYDHQGIFKRNNSRLMDE
ILKQQQELLGLDCSKYSPEFANSNDKDDQVLNCHLAVKVLSPEDGKADIVRAAQDFCQLVAQKQKRPTDLDVDTLASLLS
SNGCPDPDLVLKFGPVDSTLGFLPWHIRLTEIVSLPSHLNISYEDFFSALRQYAACEQRLGK
;
B
#
# COMPACT_ATOMS: atom_id res chain seq x y z
N GLU A 15 -31.93 3.81 -8.76
CA GLU A 15 -32.30 2.64 -9.55
C GLU A 15 -31.14 2.20 -10.45
N LEU A 16 -31.37 1.16 -11.26
CA LEU A 16 -30.37 0.68 -12.20
C LEU A 16 -31.05 0.27 -13.50
N SER A 17 -30.27 0.28 -14.57
CA SER A 17 -30.78 -0.10 -15.88
C SER A 17 -31.00 -1.61 -15.94
N LEU A 18 -31.89 -2.02 -16.85
CA LEU A 18 -32.14 -3.44 -17.05
C LEU A 18 -30.84 -4.17 -17.33
N TRP A 19 -30.10 -3.72 -18.35
CA TRP A 19 -28.77 -4.27 -18.58
C TRP A 19 -27.89 -4.12 -17.35
N GLU A 20 -27.94 -2.97 -16.69
CA GLU A 20 -27.12 -2.76 -15.50
C GLU A 20 -27.57 -3.66 -14.35
N ARG A 21 -28.88 -3.89 -14.22
CA ARG A 21 -29.39 -4.82 -13.20
C ARG A 21 -29.20 -6.27 -13.62
N PHE A 22 -29.10 -6.53 -14.92
CA PHE A 22 -28.84 -7.87 -15.41
C PHE A 22 -27.44 -8.34 -15.01
N CYS A 23 -26.42 -7.65 -15.51
CA CYS A 23 -25.03 -8.01 -15.20
C CYS A 23 -24.77 -7.99 -13.70
N ALA A 24 -25.41 -7.08 -12.98
CA ALA A 24 -25.26 -7.05 -11.53
C ALA A 24 -25.67 -8.37 -10.91
N ASN A 25 -26.85 -8.88 -11.28
CA ASN A 25 -27.28 -10.19 -10.80
C ASN A 25 -26.31 -11.27 -11.26
N ILE A 26 -25.76 -11.14 -12.48
CA ILE A 26 -24.83 -12.12 -12.99
C ILE A 26 -23.50 -12.05 -12.25
N ILE A 27 -23.00 -10.84 -12.01
CA ILE A 27 -21.74 -10.69 -11.27
C ILE A 27 -21.93 -11.13 -9.82
N LYS A 28 -23.10 -10.83 -9.23
CA LYS A 28 -23.39 -11.23 -7.86
C LYS A 28 -23.36 -12.74 -7.67
N ALA A 29 -23.36 -13.51 -8.76
CA ALA A 29 -23.15 -14.95 -8.65
C ALA A 29 -21.87 -15.25 -7.89
N GLY A 30 -20.72 -14.86 -8.44
CA GLY A 30 -19.42 -15.11 -7.85
C GLY A 30 -19.14 -14.24 -6.64
N PRO A 31 -17.90 -14.28 -6.16
CA PRO A 31 -17.53 -13.51 -4.97
C PRO A 31 -17.62 -12.02 -5.24
N MET A 32 -18.07 -11.27 -4.23
CA MET A 32 -18.22 -9.84 -4.44
C MET A 32 -17.28 -9.04 -3.56
N PRO A 33 -16.82 -7.88 -4.04
CA PRO A 33 -15.98 -7.01 -3.20
C PRO A 33 -16.81 -6.35 -2.11
N LYS A 34 -16.32 -6.43 -0.87
CA LYS A 34 -16.97 -5.76 0.24
C LYS A 34 -16.46 -4.33 0.44
N HIS A 35 -15.32 -3.99 -0.15
CA HIS A 35 -14.74 -2.66 -0.01
C HIS A 35 -14.00 -2.34 -1.30
N ILE A 36 -14.28 -1.17 -1.88
CA ILE A 36 -13.62 -0.72 -3.10
C ILE A 36 -13.25 0.74 -2.91
N ALA A 37 -12.00 1.08 -3.21
CA ALA A 37 -11.47 2.42 -3.07
C ALA A 37 -11.16 3.03 -4.43
N PHE A 38 -11.32 4.34 -4.52
CA PHE A 38 -11.20 5.07 -5.79
C PHE A 38 -10.19 6.21 -5.65
N ILE A 39 -9.26 6.29 -6.60
CA ILE A 39 -8.47 7.48 -6.82
C ILE A 39 -9.12 8.23 -7.99
N MET A 40 -9.79 9.32 -7.70
CA MET A 40 -10.47 10.11 -8.74
C MET A 40 -9.45 11.06 -9.35
N ASP A 41 -8.88 10.68 -10.47
CA ASP A 41 -7.87 11.51 -11.14
C ASP A 41 -8.46 12.06 -12.44
N GLY A 42 -7.66 12.88 -13.12
CA GLY A 42 -8.07 13.38 -14.42
C GLY A 42 -9.17 14.41 -14.41
N ASN A 43 -9.52 14.95 -13.24
CA ASN A 43 -10.46 16.08 -13.22
C ASN A 43 -9.90 17.25 -14.00
N ARG A 44 -8.60 17.53 -13.84
CA ARG A 44 -7.98 18.63 -14.58
C ARG A 44 -7.99 18.38 -16.08
N ARG A 45 -7.72 17.14 -16.50
CA ARG A 45 -7.63 16.84 -17.93
C ARG A 45 -8.95 17.09 -18.65
N TYR A 46 -10.08 16.95 -17.95
CA TYR A 46 -11.39 17.21 -18.53
C TYR A 46 -11.77 18.67 -18.50
N ALA A 47 -10.83 19.57 -18.18
CA ALA A 47 -11.11 21.00 -18.26
C ALA A 47 -11.20 21.49 -19.70
N LYS A 48 -11.15 20.59 -20.67
CA LYS A 48 -11.42 20.96 -22.05
C LYS A 48 -12.79 21.62 -22.16
N LYS A 49 -12.79 22.87 -22.63
CA LYS A 49 -14.02 23.64 -22.81
C LYS A 49 -14.79 23.76 -21.49
N CYS A 50 -14.06 24.07 -20.42
CA CYS A 50 -14.66 24.18 -19.11
C CYS A 50 -13.86 25.13 -18.21
N GLU A 53 -13.36 28.16 -13.89
CA GLU A 53 -12.96 27.50 -15.14
C GLU A 53 -12.61 26.03 -14.90
N ARG A 54 -11.47 25.80 -14.24
CA ARG A 54 -11.07 24.44 -13.88
C ARG A 54 -11.87 23.86 -12.73
N GLN A 55 -12.48 24.69 -11.89
CA GLN A 55 -13.33 24.19 -10.81
C GLN A 55 -14.71 23.76 -11.30
N GLU A 56 -15.07 24.10 -12.53
CA GLU A 56 -16.28 23.52 -13.13
C GLU A 56 -16.09 22.02 -13.33
N GLY A 57 -14.88 21.60 -13.68
CA GLY A 57 -14.62 20.18 -13.84
C GLY A 57 -14.66 19.43 -12.52
N HIS A 58 -14.05 20.00 -11.48
CA HIS A 58 -14.10 19.39 -10.16
C HIS A 58 -15.54 19.23 -9.68
N SER A 59 -16.40 20.20 -9.99
CA SER A 59 -17.82 20.07 -9.65
C SER A 59 -18.44 18.90 -10.37
N GLN A 60 -18.12 18.72 -11.66
CA GLN A 60 -18.61 17.56 -12.39
C GLN A 60 -18.05 16.26 -11.83
N GLY A 61 -16.82 16.30 -11.30
CA GLY A 61 -16.25 15.10 -10.70
C GLY A 61 -17.00 14.64 -9.47
N PHE A 62 -17.46 15.59 -8.65
CA PHE A 62 -18.26 15.24 -7.47
C PHE A 62 -19.61 14.66 -7.86
N ASN A 63 -20.14 15.06 -9.01
CA ASN A 63 -21.41 14.50 -9.45
C ASN A 63 -21.27 13.01 -9.79
N LYS A 64 -20.20 12.65 -10.51
CA LYS A 64 -19.94 11.26 -10.84
C LYS A 64 -19.54 10.45 -9.61
N LEU A 65 -19.00 11.10 -8.58
CA LEU A 65 -18.85 10.45 -7.29
C LEU A 65 -20.22 9.94 -6.83
N ALA A 66 -21.21 10.85 -6.63
CA ALA A 66 -22.52 10.39 -6.13
C ALA A 66 -23.15 9.39 -7.10
N GLU A 67 -22.97 9.61 -8.41
CA GLU A 67 -23.45 8.64 -9.39
C GLU A 67 -22.84 7.26 -9.15
N THR A 68 -21.51 7.21 -9.00
CA THR A 68 -20.83 5.94 -8.76
C THR A 68 -21.25 5.32 -7.42
N LEU A 69 -21.61 6.15 -6.43
CA LEU A 69 -22.07 5.60 -5.16
C LEU A 69 -23.43 4.92 -5.31
N ARG A 70 -24.33 5.51 -6.09
CA ARG A 70 -25.56 4.82 -6.45
C ARG A 70 -25.24 3.42 -6.97
N TRP A 71 -24.28 3.32 -7.89
CA TRP A 71 -23.91 2.03 -8.46
C TRP A 71 -23.48 1.05 -7.37
N CYS A 72 -22.37 1.35 -6.67
CA CYS A 72 -21.91 0.43 -5.63
C CYS A 72 -23.01 0.11 -4.64
N LEU A 73 -23.84 1.10 -4.28
CA LEU A 73 -24.99 0.82 -3.43
C LEU A 73 -25.95 -0.15 -4.12
N ASN A 74 -26.17 0.04 -5.42
CA ASN A 74 -26.97 -0.93 -6.18
C ASN A 74 -26.30 -2.31 -6.18
N LEU A 75 -24.97 -2.34 -6.30
CA LEU A 75 -24.23 -3.59 -6.39
C LEU A 75 -23.97 -4.24 -5.03
N GLY A 76 -24.43 -3.65 -3.94
CA GLY A 76 -24.14 -4.25 -2.65
C GLY A 76 -22.71 -4.12 -2.21
N ILE A 77 -21.95 -3.19 -2.79
CA ILE A 77 -20.66 -2.82 -2.21
C ILE A 77 -20.92 -2.05 -0.94
N LEU A 78 -20.50 -2.61 0.20
CA LEU A 78 -20.90 -2.08 1.49
C LEU A 78 -20.09 -0.85 1.89
N GLU A 79 -18.78 -0.87 1.66
CA GLU A 79 -17.88 0.21 2.09
C GLU A 79 -17.11 0.75 0.89
N VAL A 80 -16.87 2.05 0.87
CA VAL A 80 -16.15 2.71 -0.21
C VAL A 80 -15.27 3.82 0.36
N THR A 81 -14.01 3.85 -0.06
CA THR A 81 -13.08 4.90 0.32
C THR A 81 -12.69 5.71 -0.91
N VAL A 82 -12.63 7.03 -0.77
CA VAL A 82 -12.23 7.89 -1.88
C VAL A 82 -11.11 8.82 -1.45
N TYR A 83 -10.24 9.14 -2.40
CA TYR A 83 -9.14 10.10 -2.21
C TYR A 83 -9.63 11.47 -2.64
N ALA A 84 -10.14 12.26 -1.69
CA ALA A 84 -10.63 13.60 -1.99
C ALA A 84 -9.52 14.64 -1.97
N PHE A 85 -8.60 14.57 -1.00
CA PHE A 85 -7.53 15.57 -0.90
C PHE A 85 -6.27 14.93 -0.38
N SER A 86 -5.18 15.05 -1.12
CA SER A 86 -3.85 14.70 -0.65
C SER A 86 -3.16 15.94 -0.10
N ILE A 87 -2.31 15.73 0.91
CA ILE A 87 -1.53 16.84 1.43
C ILE A 87 -0.66 17.43 0.33
N GLU A 88 -0.26 16.62 -0.65
CA GLU A 88 0.53 17.13 -1.76
C GLU A 88 -0.26 18.13 -2.62
N ASN A 89 -1.58 17.98 -2.67
CA ASN A 89 -2.41 18.93 -3.40
C ASN A 89 -2.42 20.33 -2.77
N PHE A 90 -1.73 20.51 -1.64
CA PHE A 90 -1.64 21.83 -1.01
C PHE A 90 -0.75 22.79 -1.81
N LYS A 91 0.15 22.28 -2.63
CA LYS A 91 1.06 23.14 -3.38
C LYS A 91 0.44 23.60 -4.69
N ARG A 92 -0.86 23.39 -4.87
CA ARG A 92 -1.54 23.79 -6.10
C ARG A 92 -1.85 25.29 -6.03
N SER A 93 -2.55 25.79 -7.06
CA SER A 93 -2.86 27.21 -7.11
C SER A 93 -3.77 27.61 -5.96
N LYS A 94 -3.43 28.74 -5.33
CA LYS A 94 -4.28 29.28 -4.28
C LYS A 94 -5.73 29.39 -4.76
N SER A 95 -5.92 29.89 -5.99
CA SER A 95 -7.25 29.92 -6.58
C SER A 95 -7.83 28.52 -6.69
N GLU A 96 -7.05 27.57 -7.20
CA GLU A 96 -7.55 26.21 -7.33
C GLU A 96 -7.70 25.53 -5.97
N VAL A 97 -6.77 25.80 -5.04
CA VAL A 97 -6.85 25.20 -3.72
C VAL A 97 -8.03 25.77 -2.94
N ASP A 98 -8.17 27.09 -2.95
CA ASP A 98 -9.36 27.69 -2.35
C ASP A 98 -10.63 27.24 -3.06
N GLY A 99 -10.53 26.94 -4.35
CA GLY A 99 -11.68 26.42 -5.07
C GLY A 99 -12.11 25.04 -4.59
N LEU A 100 -11.17 24.23 -4.11
CA LEU A 100 -11.53 22.94 -3.54
C LEU A 100 -12.16 23.12 -2.15
N MET A 101 -11.67 24.11 -1.39
CA MET A 101 -12.24 24.37 -0.07
C MET A 101 -13.70 24.78 -0.17
N ASP A 102 -14.01 25.70 -1.08
CA ASP A 102 -15.39 26.09 -1.31
C ASP A 102 -16.27 24.87 -1.54
N LEU A 103 -15.86 23.98 -2.45
CA LEU A 103 -16.63 22.77 -2.70
C LEU A 103 -16.68 21.88 -1.46
N ALA A 104 -15.55 21.74 -0.78
CA ALA A 104 -15.53 20.97 0.46
C ALA A 104 -16.54 21.51 1.46
N ARG A 105 -16.60 22.85 1.60
CA ARG A 105 -17.58 23.47 2.48
C ARG A 105 -19.00 23.27 1.95
N GLN A 106 -19.20 23.46 0.64
CA GLN A 106 -20.49 23.30 -0.01
C GLN A 106 -21.11 21.93 0.25
N LYS A 107 -20.51 20.86 -0.28
CA LYS A 107 -21.11 19.54 -0.17
C LYS A 107 -21.27 19.12 1.29
N PHE A 108 -20.31 19.50 2.13
CA PHE A 108 -20.43 19.19 3.56
C PHE A 108 -21.59 19.94 4.19
N SER A 109 -21.82 21.19 3.76
CA SER A 109 -23.00 21.92 4.20
C SER A 109 -24.28 21.26 3.73
N ARG A 110 -24.24 20.53 2.63
CA ARG A 110 -25.39 19.72 2.21
C ARG A 110 -25.54 18.48 3.07
N LEU A 111 -24.43 17.94 3.60
CA LEU A 111 -24.54 16.81 4.51
C LEU A 111 -25.32 17.19 5.76
N MET A 112 -24.96 18.30 6.38
CA MET A 112 -25.86 18.92 7.34
C MET A 112 -27.05 19.52 6.59
N GLU A 113 -28.07 19.94 7.36
CA GLU A 113 -29.31 20.47 6.79
C GLU A 113 -30.10 19.38 6.06
N GLU A 114 -29.41 18.47 5.38
CA GLU A 114 -30.02 17.25 4.87
C GLU A 114 -29.88 16.09 5.83
N LYS A 115 -29.70 16.37 7.12
CA LYS A 115 -29.67 15.33 8.13
C LYS A 115 -31.01 14.62 8.21
N GLU A 116 -31.02 13.52 8.97
CA GLU A 116 -32.20 12.65 9.13
C GLU A 116 -32.55 11.95 7.82
N LYS A 117 -32.55 12.68 6.71
CA LYS A 117 -32.58 12.02 5.41
C LYS A 117 -31.41 11.06 5.27
N LEU A 118 -30.23 11.48 5.73
CA LEU A 118 -29.10 10.56 5.79
C LEU A 118 -29.27 9.53 6.90
N GLN A 119 -30.16 9.78 7.87
CA GLN A 119 -30.42 8.79 8.89
C GLN A 119 -31.36 7.69 8.42
N LYS A 120 -32.21 7.99 7.44
CA LYS A 120 -33.15 6.98 6.94
C LYS A 120 -32.39 5.77 6.40
N HIS A 121 -31.54 5.99 5.41
CA HIS A 121 -30.70 4.92 4.91
C HIS A 121 -29.44 4.82 5.77
N GLY A 122 -29.07 3.59 6.11
CA GLY A 122 -28.02 3.37 7.09
C GLY A 122 -26.62 3.68 6.59
N VAL A 123 -26.33 4.95 6.35
CA VAL A 123 -25.07 5.40 5.76
C VAL A 123 -24.30 6.23 6.79
N CYS A 124 -23.01 5.94 6.98
CA CYS A 124 -22.15 6.71 7.86
C CYS A 124 -20.98 7.23 7.05
N ILE A 125 -20.49 8.43 7.39
CA ILE A 125 -19.41 9.09 6.69
C ILE A 125 -18.25 9.28 7.66
N ARG A 126 -17.04 9.02 7.18
CA ARG A 126 -15.82 9.16 7.97
C ARG A 126 -14.82 9.94 7.15
N VAL A 127 -14.38 11.09 7.66
CA VAL A 127 -13.29 11.85 7.04
C VAL A 127 -11.98 11.34 7.61
N LEU A 128 -11.05 10.99 6.71
CA LEU A 128 -9.77 10.40 7.09
C LEU A 128 -8.64 11.28 6.60
N GLY A 129 -7.75 11.66 7.52
CA GLY A 129 -6.60 12.46 7.17
C GLY A 129 -5.96 13.02 8.42
N ASP A 130 -5.09 14.00 8.20
CA ASP A 130 -4.56 14.81 9.30
C ASP A 130 -5.27 16.16 9.23
N LEU A 131 -6.31 16.30 10.04
CA LEU A 131 -7.26 17.40 9.87
C LEU A 131 -6.72 18.75 10.33
N HIS A 132 -5.52 18.84 10.89
CA HIS A 132 -5.06 20.12 11.42
C HIS A 132 -4.62 21.10 10.32
N LEU A 133 -4.58 20.67 9.06
CA LEU A 133 -4.15 21.52 7.96
C LEU A 133 -5.28 22.34 7.34
N LEU A 134 -6.55 22.06 7.70
CA LEU A 134 -7.68 22.72 7.07
C LEU A 134 -8.10 23.98 7.82
N PRO A 135 -8.89 24.84 7.18
CA PRO A 135 -9.42 26.02 7.87
C PRO A 135 -10.50 25.62 8.86
N LEU A 136 -10.44 26.23 10.06
CA LEU A 136 -11.24 25.87 11.22
C LEU A 136 -12.66 25.39 10.89
N ASP A 137 -13.39 26.16 10.07
CA ASP A 137 -14.75 25.79 9.74
C ASP A 137 -14.80 24.42 9.07
N LEU A 138 -13.84 24.14 8.18
CA LEU A 138 -13.79 22.82 7.56
C LEU A 138 -13.61 21.72 8.61
N GLN A 139 -12.76 21.98 9.61
CA GLN A 139 -12.63 21.02 10.72
C GLN A 139 -13.96 20.84 11.42
N GLU A 140 -14.69 21.94 11.65
CA GLU A 140 -15.95 21.87 12.37
C GLU A 140 -16.98 21.07 11.59
N LEU A 141 -17.25 21.47 10.35
CA LEU A 141 -18.17 20.73 9.48
C LEU A 141 -17.83 19.25 9.42
N ILE A 142 -16.55 18.94 9.16
CA ILE A 142 -16.12 17.55 9.06
C ILE A 142 -16.38 16.82 10.37
N ALA A 143 -15.95 17.42 11.50
CA ALA A 143 -16.19 16.80 12.79
C ALA A 143 -17.66 16.81 13.15
N GLN A 144 -18.37 17.91 12.85
CA GLN A 144 -19.82 17.94 13.02
C GLN A 144 -20.46 16.73 12.36
N ALA A 145 -20.12 16.51 11.09
CA ALA A 145 -20.80 15.50 10.27
C ALA A 145 -20.44 14.09 10.73
N VAL A 146 -19.16 13.82 10.93
CA VAL A 146 -18.76 12.46 11.28
C VAL A 146 -19.33 12.06 12.64
N GLN A 147 -19.39 13.01 13.58
CA GLN A 147 -20.00 12.71 14.88
C GLN A 147 -21.47 12.38 14.72
N ALA A 148 -22.19 13.17 13.90
CA ALA A 148 -23.61 12.93 13.67
C ALA A 148 -23.83 11.59 12.97
N THR A 149 -23.11 11.35 11.87
CA THR A 149 -23.38 10.20 11.02
C THR A 149 -22.83 8.90 11.59
N LYS A 150 -22.06 8.95 12.67
CA LYS A 150 -21.52 7.74 13.25
C LYS A 150 -22.61 6.90 13.87
N ASN A 151 -22.29 5.62 14.12
CA ASN A 151 -23.24 4.64 14.65
C ASN A 151 -24.36 4.34 13.64
N TYR A 152 -24.00 4.31 12.35
CA TYR A 152 -24.90 3.85 11.29
C TYR A 152 -24.24 2.66 10.62
N ASN A 153 -24.97 1.54 10.55
CA ASN A 153 -24.36 0.24 10.33
C ASN A 153 -24.71 -0.41 8.99
N LYS A 154 -25.56 0.21 8.18
CA LYS A 154 -25.88 -0.40 6.90
C LYS A 154 -24.86 -0.08 5.81
N CYS A 155 -24.25 1.10 5.84
CA CYS A 155 -23.40 1.55 4.75
C CYS A 155 -22.32 2.47 5.29
N PHE A 156 -21.19 2.52 4.58
CA PHE A 156 -20.02 3.25 5.07
C PHE A 156 -19.29 3.91 3.91
N LEU A 157 -18.93 5.18 4.07
CA LEU A 157 -18.09 5.88 3.09
C LEU A 157 -16.97 6.60 3.83
N ASN A 158 -15.73 6.24 3.48
CA ASN A 158 -14.56 6.91 4.01
C ASN A 158 -14.07 7.91 2.97
N VAL A 159 -14.11 9.20 3.32
CA VAL A 159 -13.57 10.25 2.47
C VAL A 159 -12.22 10.68 3.02
N CYS A 160 -11.20 10.64 2.17
CA CYS A 160 -9.84 10.97 2.57
C CYS A 160 -9.54 12.42 2.19
N PHE A 161 -9.55 13.29 3.19
CA PHE A 161 -9.21 14.69 3.03
C PHE A 161 -7.90 14.95 3.75
N ALA A 162 -6.99 15.66 3.09
CA ALA A 162 -5.64 15.91 3.60
C ALA A 162 -5.00 14.60 4.06
N TYR A 163 -4.83 13.69 3.11
CA TYR A 163 -4.35 12.35 3.41
C TYR A 163 -3.17 12.03 2.51
N THR A 164 -2.15 11.40 3.11
CA THR A 164 -1.16 10.62 2.40
C THR A 164 -0.88 9.38 3.23
N SER A 165 -0.71 8.23 2.56
CA SER A 165 -0.44 7.00 3.29
C SER A 165 0.81 7.14 4.14
N ARG A 166 1.80 7.88 3.63
CA ARG A 166 3.02 8.11 4.39
C ARG A 166 2.73 8.81 5.70
N HIS A 167 2.00 9.93 5.64
CA HIS A 167 1.56 10.60 6.86
C HIS A 167 0.73 9.67 7.73
N GLU A 168 -0.18 8.92 7.12
CA GLU A 168 -1.06 8.03 7.88
C GLU A 168 -0.25 7.09 8.75
N ILE A 169 0.62 6.28 8.16
CA ILE A 169 1.33 5.27 8.93
C ILE A 169 2.29 5.91 9.94
N SER A 170 2.89 7.04 9.59
CA SER A 170 3.72 7.70 10.58
C SER A 170 2.90 8.13 11.78
N ASN A 171 1.63 8.50 11.56
CA ASN A 171 0.75 8.86 12.67
C ASN A 171 0.38 7.64 13.48
N ALA A 172 0.01 6.54 12.80
CA ALA A 172 -0.24 5.30 13.53
C ALA A 172 0.99 4.85 14.29
N VAL A 173 2.18 5.16 13.75
CA VAL A 173 3.42 4.80 14.41
C VAL A 173 3.61 5.61 15.69
N ARG A 174 3.50 6.94 15.59
CA ARG A 174 3.72 7.74 16.77
C ARG A 174 2.63 7.50 17.81
N GLU A 175 1.43 7.11 17.39
CA GLU A 175 0.39 6.85 18.37
C GLU A 175 0.61 5.56 19.16
N MET A 176 1.47 4.65 18.68
CA MET A 176 1.73 3.49 19.52
C MET A 176 2.94 3.71 20.43
N ALA A 177 3.88 4.59 20.05
CA ALA A 177 4.88 5.04 21.00
C ALA A 177 4.23 5.80 22.15
N TRP A 178 3.19 6.57 21.84
CA TRP A 178 2.32 7.11 22.87
C TRP A 178 1.92 6.04 23.88
N GLY A 179 1.54 4.87 23.38
CA GLY A 179 1.10 3.80 24.27
C GLY A 179 2.20 3.30 25.19
N VAL A 180 3.39 3.07 24.63
CA VAL A 180 4.51 2.65 25.47
C VAL A 180 4.89 3.76 26.44
N GLU A 181 4.92 5.01 25.96
CA GLU A 181 5.14 6.14 26.83
C GLU A 181 4.02 6.31 27.86
N GLN A 182 2.84 5.73 27.60
CA GLN A 182 1.74 5.76 28.55
C GLN A 182 1.62 4.49 29.38
N GLY A 183 2.57 3.56 29.26
CA GLY A 183 2.51 2.33 30.02
C GLY A 183 1.36 1.42 29.68
N LEU A 184 0.67 1.68 28.56
CA LEU A 184 -0.45 0.83 28.18
C LEU A 184 0.03 -0.36 27.35
N LEU A 185 0.96 -0.12 26.42
CA LEU A 185 1.55 -1.19 25.64
C LEU A 185 3.05 -1.21 25.92
N ASP A 186 3.65 -2.38 25.73
CA ASP A 186 5.09 -2.35 25.68
C ASP A 186 5.56 -2.65 24.27
N PRO A 187 6.76 -2.20 23.87
CA PRO A 187 7.20 -2.37 22.47
C PRO A 187 7.21 -3.82 21.99
N SER A 188 7.20 -4.79 22.91
CA SER A 188 7.03 -6.18 22.51
C SER A 188 5.66 -6.42 21.90
N ASP A 189 4.64 -5.73 22.42
CA ASP A 189 3.29 -5.90 21.91
C ASP A 189 3.11 -5.31 20.52
N ILE A 190 4.08 -4.53 20.04
CA ILE A 190 3.98 -3.99 18.68
C ILE A 190 3.99 -5.14 17.69
N SER A 191 3.09 -5.06 16.71
CA SER A 191 2.94 -6.10 15.72
C SER A 191 2.35 -5.48 14.46
N GLU A 192 2.22 -6.32 13.42
CA GLU A 192 1.48 -5.89 12.24
C GLU A 192 0.03 -5.60 12.59
N SER A 193 -0.54 -6.38 13.51
CA SER A 193 -1.93 -6.15 13.92
C SER A 193 -2.06 -4.82 14.67
N LEU A 194 -1.22 -4.61 15.68
CA LEU A 194 -1.27 -3.34 16.41
C LEU A 194 -1.16 -2.15 15.46
N LEU A 195 -0.12 -2.15 14.61
CA LEU A 195 0.01 -1.10 13.61
C LEU A 195 -1.20 -1.06 12.69
N ASP A 196 -1.72 -2.23 12.32
CA ASP A 196 -2.92 -2.28 11.49
C ASP A 196 -4.08 -1.57 12.17
N LYS A 197 -4.23 -1.77 13.48
CA LYS A 197 -5.38 -1.26 14.21
C LYS A 197 -5.24 0.20 14.64
N CYS A 198 -4.18 0.90 14.21
CA CYS A 198 -4.02 2.31 14.54
C CYS A 198 -3.99 3.23 13.34
N LEU A 199 -4.40 2.78 12.15
CA LEU A 199 -4.53 3.75 11.08
C LEU A 199 -5.94 4.30 11.06
N TYR A 200 -6.09 5.37 10.31
CA TYR A 200 -7.36 6.07 10.21
C TYR A 200 -8.46 5.14 9.72
N THR A 201 -8.10 4.12 8.96
CA THR A 201 -9.07 3.20 8.39
C THR A 201 -9.30 1.98 9.26
N ASN A 202 -8.93 2.03 10.55
CA ASN A 202 -9.09 0.85 11.39
C ASN A 202 -10.55 0.42 11.51
N ARG A 203 -11.50 1.31 11.26
CA ARG A 203 -12.90 0.91 11.26
C ARG A 203 -13.23 0.09 10.01
N SER A 204 -12.61 0.42 8.89
CA SER A 204 -12.80 -0.31 7.65
C SER A 204 -12.01 -1.61 7.66
N PRO A 205 -12.42 -2.58 6.85
CA PRO A 205 -11.53 -3.68 6.51
C PRO A 205 -10.76 -3.32 5.24
N HIS A 206 -9.80 -4.17 4.93
CA HIS A 206 -8.90 -3.86 3.83
CA HIS A 206 -8.89 -3.90 3.83
C HIS A 206 -9.63 -3.88 2.50
N PRO A 207 -9.34 -2.93 1.60
CA PRO A 207 -10.11 -2.81 0.36
C PRO A 207 -9.87 -3.99 -0.58
N ASP A 208 -10.91 -4.38 -1.29
CA ASP A 208 -10.80 -5.52 -2.19
C ASP A 208 -10.29 -5.09 -3.56
N ILE A 209 -10.69 -3.90 -4.03
CA ILE A 209 -10.21 -3.35 -5.29
C ILE A 209 -9.77 -1.90 -5.05
N LEU A 210 -8.69 -1.50 -5.74
CA LEU A 210 -8.30 -0.11 -5.87
C LEU A 210 -8.41 0.28 -7.33
N ILE A 211 -9.14 1.37 -7.61
CA ILE A 211 -9.36 1.85 -8.97
C ILE A 211 -8.77 3.25 -9.09
N ARG A 212 -7.98 3.48 -10.16
CA ARG A 212 -7.44 4.80 -10.47
C ARG A 212 -7.73 5.13 -11.94
N THR A 213 -8.34 6.28 -12.17
CA THR A 213 -8.70 6.71 -13.51
C THR A 213 -7.53 7.46 -14.17
N SER A 214 -7.72 7.79 -15.45
CA SER A 214 -6.72 8.40 -16.31
C SER A 214 -5.56 7.44 -16.60
N GLY A 215 -4.81 7.72 -17.67
CA GLY A 215 -3.73 6.84 -18.09
C GLY A 215 -2.64 6.64 -17.06
N GLU A 216 -2.63 7.40 -15.97
CA GLU A 216 -1.57 7.30 -14.99
C GLU A 216 -1.61 5.94 -14.28
N VAL A 217 -0.45 5.49 -13.85
CA VAL A 217 -0.32 4.15 -13.25
C VAL A 217 0.66 4.21 -12.08
N ARG A 218 0.29 4.92 -11.02
CA ARG A 218 1.04 4.95 -9.77
C ARG A 218 0.04 4.99 -8.63
N LEU A 219 0.52 4.75 -7.40
CA LEU A 219 -0.37 4.71 -6.25
C LEU A 219 -0.54 6.06 -5.54
N SER A 220 0.41 6.98 -5.72
CA SER A 220 0.32 8.36 -5.23
C SER A 220 0.13 8.44 -3.72
N ASP A 221 0.71 7.49 -2.97
CA ASP A 221 0.65 7.47 -1.51
C ASP A 221 -0.79 7.34 -1.01
N PHE A 222 -1.50 6.35 -1.54
CA PHE A 222 -2.89 6.10 -1.19
C PHE A 222 -3.01 4.68 -0.68
N LEU A 223 -3.19 4.54 0.62
CA LEU A 223 -3.49 3.27 1.29
C LEU A 223 -2.47 2.18 0.99
N LEU A 224 -1.21 2.58 0.81
CA LEU A 224 -0.14 1.64 0.52
C LEU A 224 -0.11 0.46 1.49
N TRP A 225 -0.44 0.69 2.77
CA TRP A 225 -0.48 -0.42 3.72
C TRP A 225 -1.64 -1.37 3.42
N GLN A 226 -2.84 -0.81 3.22
CA GLN A 226 -4.04 -1.64 3.19
C GLN A 226 -4.27 -2.31 1.84
N THR A 227 -3.69 -1.80 0.75
CA THR A 227 -3.86 -2.42 -0.55
C THR A 227 -2.59 -3.13 -1.03
N SER A 228 -1.83 -3.71 -0.11
CA SER A 228 -0.65 -4.46 -0.52
C SER A 228 -1.05 -5.74 -1.24
N HIS A 229 -2.23 -6.27 -0.95
CA HIS A 229 -2.75 -7.46 -1.60
C HIS A 229 -4.08 -7.21 -2.30
N SER A 230 -4.47 -5.96 -2.48
CA SER A 230 -5.69 -5.68 -3.19
C SER A 230 -5.45 -5.75 -4.70
N CYS A 231 -6.53 -5.96 -5.43
CA CYS A 231 -6.47 -5.99 -6.88
C CYS A 231 -6.39 -4.58 -7.42
N LEU A 232 -5.36 -4.31 -8.23
CA LEU A 232 -5.15 -2.98 -8.79
C LEU A 232 -5.81 -2.87 -10.16
N VAL A 233 -6.67 -1.88 -10.32
CA VAL A 233 -7.41 -1.67 -11.57
C VAL A 233 -7.14 -0.23 -12.03
N PHE A 234 -6.41 -0.08 -13.14
CA PHE A 234 -6.15 1.22 -13.74
C PHE A 234 -6.85 1.29 -15.09
N GLN A 235 -7.55 2.40 -15.34
CA GLN A 235 -8.35 2.52 -16.55
C GLN A 235 -8.10 3.85 -17.24
N PRO A 236 -7.97 3.84 -18.57
CA PRO A 236 -7.59 5.05 -19.31
C PRO A 236 -8.66 6.15 -19.32
N VAL A 237 -9.82 5.92 -18.74
CA VAL A 237 -10.89 6.91 -18.77
C VAL A 237 -10.59 8.02 -17.77
N LEU A 238 -10.96 9.24 -18.13
CA LEU A 238 -10.96 10.32 -17.15
C LEU A 238 -12.14 10.15 -16.21
N TRP A 239 -11.94 10.47 -14.93
CA TRP A 239 -12.97 10.17 -13.94
C TRP A 239 -14.29 10.88 -14.15
N PRO A 240 -14.33 12.17 -14.50
CA PRO A 240 -15.65 12.79 -14.78
C PRO A 240 -16.49 12.00 -15.77
N GLU A 241 -15.86 11.29 -16.70
CA GLU A 241 -16.57 10.47 -17.69
C GLU A 241 -16.82 9.05 -17.20
N TYR A 242 -16.64 8.79 -15.91
CA TYR A 242 -16.81 7.44 -15.39
C TYR A 242 -18.22 6.95 -15.64
N THR A 243 -18.32 5.70 -16.06
CA THR A 243 -19.60 5.06 -16.30
C THR A 243 -19.74 3.84 -15.39
N PHE A 244 -20.95 3.27 -15.40
CA PHE A 244 -21.19 2.05 -14.66
C PHE A 244 -20.41 0.89 -15.25
N TRP A 245 -20.13 0.94 -16.55
CA TRP A 245 -19.35 -0.13 -17.16
C TRP A 245 -17.89 -0.03 -16.77
N ASN A 246 -17.38 1.19 -16.59
CA ASN A 246 -16.06 1.37 -16.02
C ASN A 246 -15.98 0.72 -14.66
N LEU A 247 -17.02 0.86 -13.85
CA LEU A 247 -17.03 0.20 -12.54
C LEU A 247 -17.18 -1.30 -12.71
N PHE A 248 -18.02 -1.73 -13.66
CA PHE A 248 -18.26 -3.14 -13.86
C PHE A 248 -17.00 -3.86 -14.33
N GLU A 249 -16.19 -3.20 -15.17
CA GLU A 249 -14.95 -3.82 -15.64
C GLU A 249 -13.99 -4.05 -14.48
N ALA A 250 -14.00 -3.19 -13.46
CA ALA A 250 -13.13 -3.39 -12.32
C ALA A 250 -13.53 -4.63 -11.54
N ILE A 251 -14.82 -4.76 -11.21
CA ILE A 251 -15.27 -5.94 -10.48
C ILE A 251 -15.00 -7.20 -11.29
N LEU A 252 -15.11 -7.10 -12.62
CA LEU A 252 -14.75 -8.21 -13.50
C LEU A 252 -13.30 -8.63 -13.27
N GLN A 253 -12.37 -7.68 -13.42
CA GLN A 253 -10.97 -7.97 -13.18
C GLN A 253 -10.75 -8.49 -11.76
N PHE A 254 -11.45 -7.90 -10.78
CA PHE A 254 -11.31 -8.34 -9.40
C PHE A 254 -11.68 -9.81 -9.25
N GLN A 255 -12.76 -10.24 -9.88
CA GLN A 255 -13.22 -11.61 -9.69
C GLN A 255 -12.29 -12.63 -10.32
N MET A 256 -11.51 -12.23 -11.32
CA MET A 256 -10.57 -13.16 -11.95
C MET A 256 -9.50 -13.61 -10.97
N ASN A 257 -8.76 -12.66 -10.39
CA ASN A 257 -7.69 -13.00 -9.45
C ASN A 257 -8.17 -13.18 -8.02
N HIS A 258 -9.48 -13.28 -7.79
CA HIS A 258 -9.99 -13.46 -6.43
C HIS A 258 -9.43 -14.72 -5.79
N SER A 259 -9.33 -15.81 -6.55
CA SER A 259 -8.82 -17.05 -5.97
C SER A 259 -7.34 -16.94 -5.65
N VAL A 260 -6.58 -16.30 -6.55
CA VAL A 260 -5.15 -16.10 -6.28
C VAL A 260 -4.96 -15.20 -5.08
N LEU A 261 -5.57 -14.01 -5.10
CA LEU A 261 -5.36 -13.03 -4.04
C LEU A 261 -5.89 -13.55 -2.70
N GLN A 262 -7.01 -14.28 -2.72
CA GLN A 262 -7.48 -14.94 -1.51
C GLN A 262 -6.40 -15.88 -0.99
N LYS A 263 -5.97 -16.82 -1.82
CA LYS A 263 -4.89 -17.72 -1.43
C LYS A 263 -3.65 -16.95 -1.02
N ALA A 264 -3.28 -15.92 -1.77
CA ALA A 264 -2.12 -15.10 -1.42
C ALA A 264 -2.27 -14.54 -0.01
N ARG A 265 -3.37 -13.84 0.25
CA ARG A 265 -3.65 -13.35 1.60
C ARG A 265 -3.65 -14.49 2.60
N ASP A 266 -4.23 -15.64 2.22
CA ASP A 266 -4.36 -16.78 3.13
C ASP A 266 -3.03 -17.41 3.52
N MET A 267 -1.98 -17.27 2.69
CA MET A 267 -0.67 -17.83 3.03
C MET A 267 0.22 -16.82 3.75
N TYR A 268 0.16 -15.54 3.38
CA TYR A 268 0.84 -14.52 4.18
C TYR A 268 0.42 -14.62 5.64
N ALA A 269 -0.89 -14.70 5.86
CA ALA A 269 -1.44 -14.87 7.21
C ALA A 269 -0.76 -16.02 7.94
N GLU A 270 -0.84 -17.23 7.38
CA GLU A 270 -0.28 -18.39 8.06
C GLU A 270 1.20 -18.21 8.33
N GLU A 271 1.94 -17.63 7.37
CA GLU A 271 3.38 -17.47 7.56
C GLU A 271 3.68 -16.45 8.66
N ARG A 272 3.06 -15.27 8.57
CA ARG A 272 3.27 -14.26 9.61
C ARG A 272 2.83 -14.78 10.97
N LYS A 273 1.75 -15.56 11.03
CA LYS A 273 1.32 -16.14 12.30
C LYS A 273 2.33 -17.17 12.79
N ARG A 274 2.77 -18.06 11.90
CA ARG A 274 3.79 -19.03 12.27
C ARG A 274 5.10 -18.35 12.65
N GLN A 275 5.51 -17.34 11.88
CA GLN A 275 6.76 -16.64 12.19
C GLN A 275 6.64 -15.89 13.51
N GLN A 276 5.48 -15.30 13.79
CA GLN A 276 5.26 -14.66 15.08
C GLN A 276 5.34 -15.68 16.21
N LEU A 277 4.87 -16.91 15.95
CA LEU A 277 4.95 -17.93 17.00
C LEU A 277 6.38 -18.41 17.20
N GLU A 278 7.16 -18.51 16.12
CA GLU A 278 8.56 -18.91 16.25
C GLU A 278 9.35 -17.87 17.04
N ARG A 279 9.12 -16.59 16.76
CA ARG A 279 9.80 -15.54 17.52
C ARG A 279 9.35 -15.53 18.97
N ASP A 280 8.04 -15.65 19.22
CA ASP A 280 7.54 -15.65 20.59
C ASP A 280 8.14 -16.79 21.40
N GLN A 281 8.17 -18.00 20.85
CA GLN A 281 8.77 -19.12 21.56
C GLN A 281 10.26 -18.92 21.76
N ALA A 282 10.90 -18.08 20.94
CA ALA A 282 12.33 -17.85 21.05
C ALA A 282 12.67 -17.00 22.27
N THR A 283 12.06 -15.83 22.40
CA THR A 283 12.38 -14.96 23.51
C THR A 283 12.02 -15.61 24.85
N VAL A 284 11.01 -16.49 24.87
CA VAL A 284 10.72 -17.22 26.10
C VAL A 284 11.91 -18.09 26.49
N THR A 285 12.61 -18.63 25.50
CA THR A 285 13.82 -19.41 25.78
C THR A 285 14.98 -18.52 26.17
N GLU A 286 15.11 -17.34 25.54
CA GLU A 286 16.19 -16.42 25.88
C GLU A 286 16.16 -16.08 27.37
N GLN A 287 14.97 -15.77 27.90
CA GLN A 287 14.85 -15.60 29.34
C GLN A 287 15.09 -16.91 30.08
N LEU A 288 14.67 -18.03 29.51
CA LEU A 288 14.97 -19.31 30.12
C LEU A 288 16.45 -19.65 29.96
N LEU A 289 17.12 -19.11 28.94
CA LEU A 289 18.56 -19.25 28.84
C LEU A 289 19.26 -18.62 30.03
N ARG A 290 18.89 -17.37 30.35
CA ARG A 290 19.26 -16.80 31.63
C ARG A 290 18.49 -17.51 32.75
N GLU A 291 18.77 -17.10 33.98
CA GLU A 291 18.12 -17.67 35.16
C GLU A 291 18.35 -19.17 35.32
N GLY A 292 19.03 -19.79 34.37
CA GLY A 292 19.45 -21.18 34.51
C GLY A 292 18.39 -22.23 34.26
N LEU A 293 17.16 -21.84 33.94
CA LEU A 293 16.13 -22.85 33.68
C LEU A 293 16.44 -23.60 32.39
N GLN A 294 15.78 -24.75 32.22
CA GLN A 294 15.94 -25.57 31.04
C GLN A 294 14.68 -25.51 30.18
N ALA A 295 14.86 -25.52 28.86
CA ALA A 295 13.73 -25.48 27.93
C ALA A 295 13.08 -26.85 27.82
N SER A 296 13.06 -27.59 28.93
CA SER A 296 12.68 -29.00 28.91
C SER A 296 11.25 -29.17 28.41
N GLY A 297 10.32 -28.40 28.98
CA GLY A 297 8.92 -28.69 28.88
C GLY A 297 8.42 -29.62 29.96
N ASP A 298 9.32 -30.27 30.69
CA ASP A 298 8.96 -31.10 31.84
C ASP A 298 8.24 -30.26 32.88
N ALA A 299 6.92 -30.45 32.99
CA ALA A 299 6.00 -29.62 33.78
C ALA A 299 5.74 -28.26 33.15
N GLN A 300 5.87 -28.13 31.83
CA GLN A 300 5.30 -26.99 31.08
C GLN A 300 5.74 -25.64 31.62
N LEU A 301 7.01 -25.52 31.99
CA LEU A 301 7.54 -24.20 32.38
C LEU A 301 7.50 -23.24 31.20
N ARG A 302 8.00 -23.66 30.06
CA ARG A 302 7.94 -22.81 28.87
C ARG A 302 6.52 -22.71 28.32
N ARG A 303 5.70 -23.75 28.52
CA ARG A 303 4.36 -23.75 27.96
C ARG A 303 3.48 -22.73 28.67
N THR A 304 3.54 -22.69 30.00
CA THR A 304 2.83 -21.65 30.74
C THR A 304 3.48 -20.29 30.54
N ARG A 305 4.83 -20.26 30.44
CA ARG A 305 5.53 -18.99 30.27
C ARG A 305 5.12 -18.31 28.97
N LEU A 306 5.02 -19.08 27.89
CA LEU A 306 4.57 -18.51 26.62
C LEU A 306 3.07 -18.22 26.66
N HIS A 307 2.30 -19.10 27.29
CA HIS A 307 0.86 -18.89 27.44
C HIS A 307 0.57 -17.55 28.12
N LYS A 308 1.26 -17.26 29.22
CA LYS A 308 1.05 -15.98 29.89
C LYS A 308 1.49 -14.82 29.02
N LEU A 309 2.56 -15.02 28.22
CA LEU A 309 3.07 -13.95 27.37
C LEU A 309 2.02 -13.49 26.36
N SER A 310 1.25 -14.42 25.81
CA SER A 310 0.23 -14.07 24.84
C SER A 310 -0.83 -13.17 25.48
N ALA A 311 -1.28 -13.54 26.68
CA ALA A 311 -2.32 -12.77 27.36
C ALA A 311 -1.82 -11.40 27.76
N ARG A 312 -0.66 -11.34 28.42
CA ARG A 312 -0.12 -10.05 28.85
C ARG A 312 0.05 -9.10 27.68
N ARG A 313 0.38 -9.62 26.50
CA ARG A 313 0.36 -8.79 25.30
C ARG A 313 -1.06 -8.61 24.78
N GLU A 314 -1.92 -9.60 24.97
CA GLU A 314 -3.31 -9.48 24.52
C GLU A 314 -4.06 -8.44 25.35
N GLU A 315 -4.03 -8.60 26.68
CA GLU A 315 -4.74 -7.66 27.55
C GLU A 315 -4.13 -6.26 27.49
N ARG A 316 -2.79 -6.18 27.51
CA ARG A 316 -2.16 -4.85 27.51
C ARG A 316 -2.40 -4.12 26.19
N VAL A 317 -2.37 -4.83 25.07
CA VAL A 317 -2.64 -4.18 23.80
C VAL A 317 -4.12 -3.85 23.68
N GLN A 318 -4.99 -4.78 24.11
CA GLN A 318 -6.43 -4.56 24.01
C GLN A 318 -6.84 -3.29 24.74
N GLY A 319 -6.27 -3.06 25.92
CA GLY A 319 -6.55 -1.83 26.63
C GLY A 319 -6.05 -0.60 25.89
N PHE A 320 -4.88 -0.71 25.26
CA PHE A 320 -4.36 0.42 24.50
C PHE A 320 -5.33 0.85 23.40
N LEU A 321 -5.99 -0.12 22.75
CA LEU A 321 -6.91 0.21 21.68
C LEU A 321 -8.16 0.89 22.21
N GLN A 322 -8.67 0.44 23.36
CA GLN A 322 -9.78 1.14 24.00
C GLN A 322 -9.39 2.54 24.41
N ALA A 323 -8.16 2.71 24.90
CA ALA A 323 -7.69 4.04 25.26
C ALA A 323 -7.54 4.94 24.04
N LEU A 324 -7.07 4.37 22.92
CA LEU A 324 -6.91 5.17 21.70
C LEU A 324 -8.25 5.64 21.15
N GLU A 325 -9.29 4.82 21.29
CA GLU A 325 -10.61 5.25 20.88
C GLU A 325 -11.08 6.43 21.72
N LEU A 326 -11.04 6.28 23.04
CA LEU A 326 -11.41 7.37 23.94
C LEU A 326 -10.63 8.64 23.62
N LYS A 327 -9.33 8.49 23.37
CA LYS A 327 -8.54 9.64 22.92
C LYS A 327 -9.13 10.24 21.65
N ARG A 328 -9.42 9.39 20.67
CA ARG A 328 -9.91 9.89 19.39
C ARG A 328 -11.33 10.40 19.50
N ALA A 329 -12.14 9.80 20.38
CA ALA A 329 -13.51 10.26 20.55
C ALA A 329 -13.58 11.63 21.20
N ASP A 330 -12.61 11.94 22.07
CA ASP A 330 -12.63 13.24 22.74
C ASP A 330 -12.46 14.37 21.73
N TRP A 331 -11.64 14.18 20.71
CA TRP A 331 -11.45 15.21 19.71
C TRP A 331 -12.72 15.44 18.90
N LEU A 332 -13.59 14.43 18.84
CA LEU A 332 -14.83 14.58 18.08
C LEU A 332 -15.74 15.63 18.71
N ALA A 333 -15.70 15.75 20.04
CA ALA A 333 -16.56 16.71 20.73
C ALA A 333 -16.37 18.11 20.16
N ARG A 334 -15.13 18.61 20.19
CA ARG A 334 -14.85 19.92 19.65
C ARG A 334 -14.68 19.88 18.13
N ALA B 8 36.41 -9.36 -25.77
CA ALA B 8 36.30 -8.31 -26.78
C ALA B 8 34.84 -8.05 -27.13
N ALA B 9 33.94 -8.47 -26.25
CA ALA B 9 32.53 -8.12 -26.40
C ALA B 9 32.24 -6.71 -25.91
N ALA B 10 33.24 -5.83 -25.97
CA ALA B 10 33.06 -4.44 -25.54
C ALA B 10 32.06 -3.70 -26.40
N HIS B 11 31.83 -4.15 -27.63
CA HIS B 11 30.77 -3.55 -28.44
C HIS B 11 29.41 -3.80 -27.83
N HIS B 12 29.25 -4.89 -27.08
CA HIS B 12 27.97 -5.17 -26.42
C HIS B 12 27.70 -4.16 -25.31
N ARG B 13 28.73 -3.81 -24.54
CA ARG B 13 28.59 -2.73 -23.56
C ARG B 13 28.29 -1.41 -24.25
N MET B 14 28.94 -1.17 -25.40
CA MET B 14 28.65 0.04 -26.16
C MET B 14 27.19 0.05 -26.62
N ARG B 15 26.67 -1.10 -27.06
CA ARG B 15 25.30 -1.17 -27.54
C ARG B 15 24.30 -0.92 -26.42
N TRP B 16 24.52 -1.54 -25.27
CA TRP B 16 23.57 -1.42 -24.16
C TRP B 16 23.64 -0.03 -23.53
N ARG B 17 24.85 0.51 -23.35
CA ARG B 17 24.97 1.86 -22.81
C ARG B 17 24.36 2.89 -23.75
N ALA B 18 24.45 2.65 -25.06
CA ALA B 18 23.82 3.55 -26.02
C ALA B 18 22.30 3.52 -25.89
N ASP B 19 21.73 2.33 -25.68
CA ASP B 19 20.29 2.25 -25.45
C ASP B 19 19.89 2.95 -24.17
N GLY B 20 20.75 2.94 -23.16
CA GLY B 20 20.42 3.60 -21.90
C GLY B 20 20.39 5.11 -22.00
N ARG B 21 21.45 5.69 -22.58
CA ARG B 21 21.51 7.13 -22.77
C ARG B 21 20.51 7.64 -23.80
N SER B 22 19.81 6.75 -24.51
CA SER B 22 18.84 7.17 -25.52
C SER B 22 17.47 7.46 -24.93
N LEU B 23 17.11 6.75 -23.86
CA LEU B 23 15.79 6.96 -23.25
C LEU B 23 15.69 8.34 -22.62
N GLU B 24 14.48 8.91 -22.64
CA GLU B 24 14.27 10.20 -22.02
C GLU B 24 14.49 10.14 -20.52
N LYS B 25 14.28 8.97 -19.91
CA LYS B 25 14.44 8.83 -18.48
C LYS B 25 14.68 7.36 -18.17
N LEU B 26 15.76 7.08 -17.46
CA LEU B 26 16.01 5.74 -16.97
C LEU B 26 15.83 5.70 -15.46
N PRO B 27 15.23 4.63 -14.93
CA PRO B 27 15.05 4.55 -13.47
C PRO B 27 16.39 4.42 -12.76
N VAL B 28 16.58 5.25 -11.72
CA VAL B 28 17.71 5.05 -10.83
C VAL B 28 17.56 3.74 -10.08
N HIS B 29 16.35 3.41 -9.66
CA HIS B 29 16.05 2.21 -8.91
C HIS B 29 14.88 1.51 -9.58
N MET B 30 14.97 0.19 -9.73
CA MET B 30 13.91 -0.57 -10.38
C MET B 30 13.66 -1.85 -9.60
N GLY B 31 12.41 -2.30 -9.62
CA GLY B 31 12.01 -3.53 -8.98
C GLY B 31 11.36 -4.47 -9.98
N LEU B 32 11.61 -5.76 -9.79
CA LEU B 32 10.97 -6.80 -10.58
C LEU B 32 10.16 -7.67 -9.64
N VAL B 33 8.85 -7.72 -9.89
CA VAL B 33 7.92 -8.49 -9.07
C VAL B 33 7.39 -9.63 -9.91
N ILE B 34 7.51 -10.84 -9.37
CA ILE B 34 7.17 -12.04 -10.12
C ILE B 34 5.98 -12.71 -9.42
N THR B 35 4.81 -12.48 -9.98
CA THR B 35 3.56 -13.06 -9.53
C THR B 35 3.32 -14.43 -10.12
N GLU B 36 4.07 -14.81 -11.16
CA GLU B 36 3.91 -16.10 -11.82
C GLU B 36 4.17 -17.26 -10.85
N VAL B 37 3.09 -17.82 -10.30
CA VAL B 37 3.16 -18.96 -9.41
C VAL B 37 2.66 -20.23 -10.09
N GLU B 38 2.49 -20.22 -11.42
CA GLU B 38 2.07 -21.41 -12.14
C GLU B 38 3.14 -22.49 -12.05
N GLN B 39 4.41 -22.13 -12.20
CA GLN B 39 5.51 -23.04 -12.02
C GLN B 39 6.61 -22.34 -11.23
N GLU B 40 7.55 -23.12 -10.72
CA GLU B 40 8.73 -22.54 -10.12
C GLU B 40 9.42 -21.65 -11.16
N PRO B 41 9.79 -20.42 -10.82
CA PRO B 41 10.39 -19.54 -11.81
C PRO B 41 11.74 -20.05 -12.28
N SER B 42 12.15 -19.57 -13.44
CA SER B 42 13.45 -19.92 -14.00
C SER B 42 14.40 -18.78 -13.72
N PHE B 43 15.48 -19.08 -12.99
CA PHE B 43 16.46 -18.06 -12.63
C PHE B 43 17.16 -17.50 -13.86
N SER B 44 17.22 -18.28 -14.94
CA SER B 44 17.89 -17.82 -16.16
C SER B 44 17.24 -16.56 -16.72
N ASP B 45 15.90 -16.52 -16.71
CA ASP B 45 15.23 -15.32 -17.22
C ASP B 45 15.36 -14.16 -16.24
N ILE B 46 15.32 -14.45 -14.95
CA ILE B 46 15.47 -13.38 -13.96
C ILE B 46 16.87 -12.78 -14.07
N ALA B 47 17.88 -13.65 -14.09
CA ALA B 47 19.26 -13.19 -14.14
C ALA B 47 19.53 -12.33 -15.36
N SER B 48 18.96 -12.70 -16.51
CA SER B 48 19.13 -11.89 -17.72
C SER B 48 18.47 -10.53 -17.58
N LEU B 49 17.36 -10.45 -16.87
CA LEU B 49 16.65 -9.19 -16.72
C LEU B 49 17.48 -8.20 -15.89
N VAL B 50 18.00 -8.66 -14.75
CA VAL B 50 18.82 -7.79 -13.92
C VAL B 50 20.14 -7.44 -14.64
N VAL B 51 20.70 -8.40 -15.38
CA VAL B 51 21.92 -8.13 -16.14
C VAL B 51 21.71 -7.01 -17.15
N TRP B 52 20.55 -7.01 -17.81
CA TRP B 52 20.25 -5.96 -18.79
C TRP B 52 20.05 -4.60 -18.14
N CYS B 53 19.48 -4.56 -16.92
CA CYS B 53 19.31 -3.28 -16.25
C CYS B 53 20.65 -2.65 -15.94
N MET B 54 21.57 -3.42 -15.37
CA MET B 54 22.90 -2.90 -15.09
C MET B 54 23.57 -2.38 -16.36
N ALA B 55 23.43 -3.12 -17.47
CA ALA B 55 24.09 -2.74 -18.72
C ALA B 55 23.61 -1.39 -19.24
N VAL B 56 22.31 -1.16 -19.24
CA VAL B 56 21.80 0.11 -19.74
C VAL B 56 22.02 1.25 -18.76
N GLY B 57 22.24 0.95 -17.48
CA GLY B 57 22.61 1.97 -16.54
C GLY B 57 21.64 2.20 -15.40
N ILE B 58 21.03 1.14 -14.90
CA ILE B 58 20.15 1.23 -13.74
C ILE B 58 20.93 0.75 -12.53
N SER B 59 20.94 1.57 -11.47
CA SER B 59 21.88 1.35 -10.38
C SER B 59 21.47 0.16 -9.52
N TYR B 60 20.31 0.24 -8.88
CA TYR B 60 19.87 -0.80 -7.97
C TYR B 60 18.63 -1.49 -8.53
N ILE B 61 18.66 -2.82 -8.54
CA ILE B 61 17.49 -3.62 -8.90
C ILE B 61 17.10 -4.42 -7.67
N SER B 62 15.80 -4.56 -7.42
CA SER B 62 15.31 -5.48 -6.41
C SER B 62 14.41 -6.53 -7.03
N VAL B 63 14.61 -7.78 -6.66
CA VAL B 63 13.83 -8.89 -7.16
C VAL B 63 12.95 -9.37 -6.02
N TYR B 64 11.67 -9.58 -6.32
CA TYR B 64 10.68 -9.85 -5.28
C TYR B 64 9.80 -11.02 -5.66
N ASP B 65 9.55 -11.90 -4.70
CA ASP B 65 8.64 -13.03 -4.86
C ASP B 65 7.91 -13.23 -3.53
N HIS B 66 6.58 -13.21 -3.58
CA HIS B 66 5.79 -13.24 -2.34
C HIS B 66 5.93 -14.55 -1.57
N GLN B 67 6.41 -15.61 -2.20
CA GLN B 67 6.64 -16.86 -1.48
C GLN B 67 8.06 -16.95 -0.93
N GLY B 68 8.97 -16.12 -1.40
CA GLY B 68 10.33 -16.10 -0.90
C GLY B 68 11.32 -16.96 -1.64
N ILE B 69 10.93 -17.54 -2.78
CA ILE B 69 11.80 -18.51 -3.46
C ILE B 69 13.07 -17.85 -3.98
N PHE B 70 13.09 -16.53 -4.10
CA PHE B 70 14.35 -15.87 -4.43
C PHE B 70 15.22 -15.67 -3.20
N LYS B 71 14.62 -15.21 -2.10
CA LYS B 71 15.40 -15.02 -0.90
C LYS B 71 15.91 -16.34 -0.36
N ARG B 72 15.14 -17.42 -0.54
CA ARG B 72 15.59 -18.73 -0.11
C ARG B 72 16.57 -19.37 -1.09
N ASN B 73 16.91 -18.67 -2.18
CA ASN B 73 17.82 -19.16 -3.22
C ASN B 73 18.70 -18.04 -3.75
N ASN B 74 19.19 -17.18 -2.85
CA ASN B 74 20.06 -16.07 -3.21
C ASN B 74 21.28 -16.56 -3.95
N SER B 75 21.89 -17.63 -3.44
CA SER B 75 23.12 -18.16 -4.02
C SER B 75 22.91 -18.67 -5.45
N ARG B 76 21.84 -19.42 -5.68
CA ARG B 76 21.57 -19.91 -7.03
C ARG B 76 21.26 -18.75 -7.99
N LEU B 77 20.56 -17.72 -7.51
CA LEU B 77 20.28 -16.59 -8.38
C LEU B 77 21.50 -15.70 -8.57
N MET B 78 22.27 -15.47 -7.50
CA MET B 78 23.48 -14.65 -7.65
C MET B 78 24.50 -15.34 -8.52
N ASP B 79 24.60 -16.67 -8.43
CA ASP B 79 25.47 -17.43 -9.31
C ASP B 79 25.14 -17.12 -10.77
N GLU B 80 23.87 -17.24 -11.15
CA GLU B 80 23.50 -17.08 -12.55
C GLU B 80 23.57 -15.62 -13.00
N ILE B 81 23.43 -14.66 -12.08
CA ILE B 81 23.57 -13.25 -12.48
C ILE B 81 25.02 -12.96 -12.83
N LEU B 82 25.95 -13.49 -12.04
CA LEU B 82 27.37 -13.29 -12.32
C LEU B 82 27.79 -14.00 -13.60
N LYS B 83 27.35 -15.26 -13.77
CA LYS B 83 27.76 -16.04 -14.93
C LYS B 83 27.36 -15.37 -16.24
N GLN B 84 26.10 -14.96 -16.36
CA GLN B 84 25.65 -14.27 -17.56
C GLN B 84 26.41 -12.97 -17.78
N GLN B 85 26.79 -12.29 -16.69
CA GLN B 85 27.61 -11.10 -16.81
C GLN B 85 28.98 -11.44 -17.39
N GLN B 86 29.62 -12.47 -16.83
CA GLN B 86 30.84 -12.98 -17.45
C GLN B 86 30.56 -13.51 -18.85
N GLU B 87 29.40 -14.16 -19.04
CA GLU B 87 29.11 -14.77 -20.33
C GLU B 87 28.96 -13.73 -21.42
N LEU B 88 28.23 -12.64 -21.16
CA LEU B 88 27.95 -11.62 -22.17
C LEU B 88 28.79 -10.37 -21.98
N LEU B 89 28.62 -9.67 -20.86
CA LEU B 89 29.41 -8.47 -20.61
C LEU B 89 30.89 -8.80 -20.45
N GLY B 90 31.20 -9.96 -19.89
CA GLY B 90 32.58 -10.41 -19.77
C GLY B 90 33.48 -9.54 -18.91
N ASP B 105 39.74 -9.91 -12.02
CA ASP B 105 39.04 -8.74 -11.50
C ASP B 105 37.60 -9.10 -11.08
N LYS B 106 37.38 -10.39 -10.81
CA LYS B 106 36.05 -10.85 -10.42
C LYS B 106 35.61 -10.26 -9.09
N ASP B 107 36.55 -10.07 -8.15
CA ASP B 107 36.24 -9.51 -6.84
C ASP B 107 35.45 -8.21 -6.98
N ASP B 108 35.94 -7.29 -7.80
CA ASP B 108 35.24 -6.01 -7.97
C ASP B 108 33.92 -6.21 -8.72
N GLN B 109 33.94 -7.00 -9.79
CA GLN B 109 32.70 -7.29 -10.51
C GLN B 109 31.68 -7.93 -9.57
N VAL B 110 32.10 -8.97 -8.84
CA VAL B 110 31.21 -9.65 -7.90
C VAL B 110 30.75 -8.70 -6.80
N LEU B 111 31.58 -7.71 -6.44
CA LEU B 111 31.19 -6.73 -5.43
C LEU B 111 30.10 -5.81 -5.95
N ASN B 112 30.29 -5.24 -7.14
CA ASN B 112 29.30 -4.33 -7.70
C ASN B 112 27.95 -5.01 -7.90
N CYS B 113 27.94 -6.32 -8.14
CA CYS B 113 26.69 -7.04 -8.31
C CYS B 113 25.91 -7.11 -7.00
N HIS B 114 26.56 -7.61 -5.94
CA HIS B 114 25.90 -7.68 -4.64
C HIS B 114 25.50 -6.29 -4.16
N LEU B 115 26.32 -5.29 -4.44
CA LEU B 115 26.00 -3.93 -4.04
C LEU B 115 24.74 -3.42 -4.75
N ALA B 116 24.47 -3.91 -5.95
CA ALA B 116 23.39 -3.36 -6.78
C ALA B 116 22.10 -4.16 -6.73
N VAL B 117 22.17 -5.48 -6.58
CA VAL B 117 20.99 -6.33 -6.63
C VAL B 117 20.63 -6.73 -5.22
N LYS B 118 19.41 -6.43 -4.81
CA LYS B 118 18.85 -6.89 -3.55
C LYS B 118 17.69 -7.82 -3.85
N VAL B 119 17.67 -8.98 -3.20
CA VAL B 119 16.60 -9.96 -3.36
C VAL B 119 15.62 -9.78 -2.21
N LEU B 120 14.35 -9.58 -2.54
CA LEU B 120 13.35 -9.16 -1.56
C LEU B 120 12.25 -10.21 -1.41
N SER B 121 11.45 -10.03 -0.35
CA SER B 121 10.36 -10.92 0.00
C SER B 121 9.36 -10.13 0.83
N PRO B 122 8.21 -10.72 1.18
CA PRO B 122 7.19 -9.96 1.92
C PRO B 122 7.66 -9.38 3.24
N GLU B 123 8.59 -10.04 3.92
CA GLU B 123 9.08 -9.57 5.23
C GLU B 123 9.95 -8.35 5.13
N ASP B 124 10.02 -7.68 3.98
CA ASP B 124 10.87 -6.52 3.80
C ASP B 124 10.12 -5.21 3.65
N GLY B 125 8.81 -5.25 3.43
CA GLY B 125 8.01 -4.05 3.36
C GLY B 125 7.19 -3.84 4.60
N LYS B 126 6.19 -4.71 4.81
CA LYS B 126 5.33 -4.57 5.99
C LYS B 126 6.08 -4.96 7.26
N ALA B 127 6.59 -6.19 7.32
CA ALA B 127 7.27 -6.65 8.54
C ALA B 127 8.45 -5.75 8.90
N ASP B 128 9.06 -5.10 7.91
CA ASP B 128 10.12 -4.14 8.21
C ASP B 128 9.55 -2.85 8.75
N ILE B 129 8.33 -2.48 8.33
CA ILE B 129 7.72 -1.26 8.84
C ILE B 129 7.51 -1.38 10.35
N VAL B 130 7.08 -2.56 10.81
CA VAL B 130 6.90 -2.71 12.24
C VAL B 130 8.23 -2.83 12.96
N ARG B 131 9.30 -3.23 12.25
CA ARG B 131 10.62 -3.29 12.87
C ARG B 131 11.08 -1.91 13.33
N ALA B 132 10.95 -0.91 12.44
CA ALA B 132 11.31 0.45 12.81
C ALA B 132 10.39 1.00 13.88
N ALA B 133 9.10 0.66 13.82
CA ALA B 133 8.19 1.03 14.90
C ALA B 133 8.67 0.46 16.22
N GLN B 134 9.16 -0.78 16.21
CA GLN B 134 9.75 -1.35 17.41
C GLN B 134 11.01 -0.61 17.83
N ASP B 135 11.73 -0.02 16.88
CA ASP B 135 12.92 0.76 17.22
C ASP B 135 12.53 2.00 18.01
N PHE B 136 11.65 2.83 17.45
CA PHE B 136 11.25 4.06 18.12
C PHE B 136 10.67 3.77 19.49
N CYS B 137 9.82 2.74 19.59
CA CYS B 137 9.11 2.48 20.84
C CYS B 137 10.06 2.02 21.94
N GLN B 138 11.04 1.20 21.60
CA GLN B 138 12.03 0.83 22.61
C GLN B 138 12.90 2.01 23.00
N LEU B 139 13.22 2.88 22.03
CA LEU B 139 13.92 4.12 22.36
C LEU B 139 13.04 5.05 23.19
N VAL B 140 11.72 5.00 22.98
CA VAL B 140 10.81 5.73 23.86
C VAL B 140 10.84 5.13 25.26
N ALA B 141 10.89 3.81 25.37
CA ALA B 141 10.97 3.15 26.67
C ALA B 141 12.32 3.37 27.35
N GLN B 142 13.35 3.69 26.57
CA GLN B 142 14.65 4.08 27.09
C GLN B 142 14.74 5.57 27.36
N LYS B 143 13.62 6.29 27.30
CA LYS B 143 13.55 7.72 27.59
C LYS B 143 14.39 8.54 26.60
N GLN B 144 15.03 7.86 25.66
CA GLN B 144 15.84 8.56 24.67
C GLN B 144 14.98 9.22 23.62
N LYS B 145 13.83 8.64 23.32
CA LYS B 145 12.99 9.07 22.21
C LYS B 145 11.65 9.57 22.75
N ARG B 146 11.10 10.56 22.06
CA ARG B 146 9.74 11.03 22.31
C ARG B 146 8.93 10.93 21.02
N PRO B 147 7.62 10.72 21.13
CA PRO B 147 6.81 10.63 19.90
C PRO B 147 6.78 11.92 19.11
N THR B 148 6.60 13.06 19.78
CA THR B 148 6.54 14.36 19.10
C THR B 148 7.84 14.65 18.35
N LEU B 150 9.13 11.76 15.22
CA LEU B 150 8.44 10.67 14.53
C LEU B 150 7.81 11.10 13.21
N ASP B 151 8.25 12.23 12.68
CA ASP B 151 7.64 12.85 11.51
C ASP B 151 7.94 12.01 10.26
N VAL B 152 7.65 12.58 9.08
CA VAL B 152 7.61 11.79 7.86
C VAL B 152 9.02 11.33 7.46
N ASP B 153 9.97 12.26 7.40
CA ASP B 153 11.32 11.92 6.99
C ASP B 153 12.06 11.11 8.05
N THR B 154 11.65 11.22 9.30
CA THR B 154 12.26 10.38 10.34
C THR B 154 11.87 8.92 10.14
N LEU B 155 10.68 8.67 9.60
CA LEU B 155 10.28 7.30 9.30
C LEU B 155 11.14 6.71 8.19
N ALA B 156 11.29 7.45 7.09
CA ALA B 156 12.03 6.95 5.93
C ALA B 156 13.45 6.56 6.31
N SER B 157 14.16 7.46 6.99
CA SER B 157 15.53 7.15 7.40
C SER B 157 15.58 6.03 8.43
N LEU B 158 14.44 5.70 9.04
CA LEU B 158 14.42 4.65 10.06
C LEU B 158 14.22 3.26 9.46
N LEU B 159 13.74 3.17 8.23
CA LEU B 159 13.55 1.87 7.63
C LEU B 159 14.87 1.35 7.03
N SER B 160 14.84 0.11 6.55
CA SER B 160 16.02 -0.50 5.93
C SER B 160 16.42 0.20 4.64
N SER B 161 15.53 1.01 4.06
CA SER B 161 15.89 1.94 3.00
C SER B 161 16.55 3.22 3.53
N ASN B 162 17.25 3.15 4.65
CA ASN B 162 17.97 4.32 5.13
C ASN B 162 18.92 4.85 4.06
N GLY B 163 19.73 3.97 3.48
CA GLY B 163 20.60 4.38 2.39
C GLY B 163 19.88 4.50 1.05
N CYS B 164 19.24 3.42 0.60
CA CYS B 164 18.81 3.32 -0.79
C CYS B 164 17.55 4.14 -1.05
N PRO B 165 17.43 4.70 -2.27
CA PRO B 165 16.22 5.44 -2.63
C PRO B 165 14.99 4.57 -2.83
N ASP B 166 13.94 5.14 -3.43
CA ASP B 166 12.70 4.43 -3.69
C ASP B 166 12.61 4.05 -5.17
N PRO B 167 11.95 2.93 -5.50
CA PRO B 167 11.90 2.50 -6.90
C PRO B 167 11.19 3.53 -7.76
N ASP B 168 11.82 3.89 -8.88
CA ASP B 168 11.15 4.76 -9.83
C ASP B 168 10.12 3.98 -10.63
N LEU B 169 10.35 2.68 -10.80
CA LEU B 169 9.61 1.85 -11.74
C LEU B 169 9.66 0.41 -11.25
N VAL B 170 8.50 -0.23 -11.15
CA VAL B 170 8.44 -1.66 -10.86
C VAL B 170 7.87 -2.36 -12.09
N LEU B 171 8.32 -3.60 -12.31
CA LEU B 171 7.86 -4.44 -13.41
C LEU B 171 7.18 -5.66 -12.83
N LYS B 172 5.90 -5.82 -13.15
CA LYS B 172 5.10 -6.94 -12.66
C LYS B 172 5.05 -8.00 -13.75
N PHE B 173 5.56 -9.19 -13.44
CA PHE B 173 5.52 -10.33 -14.36
C PHE B 173 4.55 -11.35 -13.80
N GLY B 174 3.56 -11.71 -14.60
CA GLY B 174 2.59 -12.72 -14.23
C GLY B 174 1.17 -12.22 -14.30
N PRO B 175 0.24 -13.11 -14.04
CA PRO B 175 -1.19 -12.75 -14.17
C PRO B 175 -1.74 -11.93 -13.00
N VAL B 176 -1.21 -12.13 -11.79
CA VAL B 176 -1.80 -11.53 -10.60
C VAL B 176 -1.65 -10.01 -10.64
N ASP B 177 -2.71 -9.30 -10.27
CA ASP B 177 -2.82 -7.86 -10.44
C ASP B 177 -2.66 -7.10 -9.13
N SER B 178 -1.72 -7.52 -8.29
CA SER B 178 -1.41 -6.84 -7.05
C SER B 178 0.11 -6.68 -6.92
N THR B 179 0.52 -5.87 -5.94
CA THR B 179 1.92 -5.81 -5.53
C THR B 179 2.30 -6.99 -4.64
N LEU B 180 1.32 -7.65 -4.04
CA LEU B 180 1.56 -8.82 -3.18
C LEU B 180 2.49 -8.47 -2.02
N GLY B 181 2.31 -7.27 -1.46
CA GLY B 181 3.07 -6.88 -0.28
C GLY B 181 4.46 -6.35 -0.55
N PHE B 182 4.71 -5.85 -1.76
CA PHE B 182 6.06 -5.48 -2.16
C PHE B 182 6.31 -4.03 -1.78
N LEU B 183 7.12 -3.83 -0.74
CA LEU B 183 7.62 -2.51 -0.31
C LEU B 183 6.52 -1.45 -0.35
N PRO B 184 5.47 -1.59 0.48
CA PRO B 184 4.38 -0.62 0.40
C PRO B 184 4.81 0.80 0.72
N TRP B 185 5.78 0.99 1.61
CA TRP B 185 6.18 2.34 2.00
C TRP B 185 6.88 3.05 0.85
N HIS B 186 7.68 2.32 0.09
CA HIS B 186 8.57 2.91 -0.89
C HIS B 186 7.93 3.14 -2.25
N ILE B 187 6.79 2.48 -2.54
CA ILE B 187 6.22 2.52 -3.88
C ILE B 187 5.31 3.73 -4.04
N ARG B 188 5.51 4.74 -3.20
CA ARG B 188 4.50 5.77 -3.05
C ARG B 188 4.23 6.51 -4.36
N LEU B 189 5.27 6.80 -5.16
CA LEU B 189 5.08 7.53 -6.42
C LEU B 189 5.62 6.76 -7.63
N THR B 190 5.82 5.45 -7.50
CA THR B 190 6.48 4.70 -8.55
C THR B 190 5.51 4.25 -9.64
N GLU B 191 6.05 4.11 -10.85
CA GLU B 191 5.32 3.63 -12.00
C GLU B 191 5.32 2.11 -12.03
N ILE B 192 4.16 1.52 -12.34
CA ILE B 192 4.01 0.08 -12.43
C ILE B 192 3.76 -0.28 -13.89
N VAL B 193 4.47 -1.28 -14.37
CA VAL B 193 4.29 -1.82 -15.71
C VAL B 193 4.18 -3.32 -15.56
N SER B 194 3.06 -3.89 -16.01
CA SER B 194 2.86 -5.32 -15.91
C SER B 194 3.09 -5.97 -17.29
N LEU B 195 3.75 -7.13 -17.27
CA LEU B 195 4.05 -7.89 -18.47
C LEU B 195 3.52 -9.31 -18.32
N PRO B 196 3.10 -9.92 -19.43
CA PRO B 196 2.40 -11.21 -19.34
C PRO B 196 3.17 -12.30 -18.62
N SER B 197 4.50 -12.28 -18.70
CA SER B 197 5.31 -13.33 -18.11
C SER B 197 6.77 -12.98 -18.24
N HIS B 198 7.58 -13.59 -17.38
CA HIS B 198 9.02 -13.44 -17.40
C HIS B 198 9.73 -14.61 -18.05
N LEU B 199 9.05 -15.75 -18.17
CA LEU B 199 9.64 -16.88 -18.87
C LEU B 199 9.92 -16.49 -20.32
N ASN B 200 11.13 -16.81 -20.78
CA ASN B 200 11.54 -16.56 -22.16
C ASN B 200 11.37 -15.09 -22.55
N ILE B 201 11.72 -14.18 -21.62
CA ILE B 201 11.66 -12.75 -21.87
C ILE B 201 12.85 -12.31 -22.73
N SER B 202 12.60 -11.32 -23.60
CA SER B 202 13.60 -10.83 -24.54
C SER B 202 13.94 -9.38 -24.25
N TYR B 203 15.17 -8.99 -24.61
CA TYR B 203 15.64 -7.63 -24.37
C TYR B 203 14.77 -6.60 -25.08
N GLU B 204 14.26 -6.93 -26.27
CA GLU B 204 13.35 -6.02 -26.95
C GLU B 204 12.09 -5.80 -26.15
N ASP B 205 11.57 -6.86 -25.53
CA ASP B 205 10.42 -6.71 -24.64
C ASP B 205 10.77 -5.84 -23.44
N PHE B 206 11.86 -6.19 -22.73
CA PHE B 206 12.24 -5.43 -21.55
C PHE B 206 12.58 -3.98 -21.87
N PHE B 207 13.04 -3.71 -23.09
CA PHE B 207 13.47 -2.34 -23.39
C PHE B 207 12.29 -1.40 -23.62
N SER B 208 11.22 -1.89 -24.26
CA SER B 208 10.04 -1.06 -24.48
C SER B 208 9.26 -0.82 -23.20
N ALA B 209 9.52 -1.59 -22.16
CA ALA B 209 9.05 -1.21 -20.84
C ALA B 209 9.72 0.08 -20.38
N LEU B 210 11.06 0.12 -20.44
CA LEU B 210 11.77 1.36 -20.14
C LEU B 210 11.34 2.47 -21.08
N ARG B 211 11.05 2.14 -22.34
CA ARG B 211 10.57 3.15 -23.26
C ARG B 211 9.15 3.60 -22.90
N GLN B 212 8.37 2.73 -22.26
CA GLN B 212 7.09 3.15 -21.71
C GLN B 212 7.30 4.08 -20.52
N TYR B 213 8.23 3.71 -19.63
CA TYR B 213 8.47 4.52 -18.43
C TYR B 213 9.13 5.85 -18.75
N ALA B 214 9.93 5.90 -19.82
CA ALA B 214 10.63 7.13 -20.19
C ALA B 214 9.64 8.26 -20.48
N ALA B 215 8.49 7.93 -21.07
CA ALA B 215 7.47 8.92 -21.39
C ALA B 215 6.45 9.10 -20.29
N CYS B 216 6.66 8.49 -19.12
CA CYS B 216 5.61 8.34 -18.12
C CYS B 216 5.67 9.43 -17.04
N GLU B 217 5.42 10.67 -17.48
CA GLU B 217 5.03 11.79 -16.62
C GLU B 217 5.84 11.86 -15.32
N GLN B 218 7.15 11.99 -15.48
CA GLN B 218 8.05 12.10 -14.34
C GLN B 218 9.40 12.66 -14.78
N GLY C . -17.29 15.10 -0.10
CA GLY C . -16.28 14.75 -1.09
C GLY C . -15.16 15.78 -1.15
O GLY C . -15.31 16.84 -1.74
#